data_6LD4
#
_entry.id   6LD4
#
_cell.length_a   64.100
_cell.length_b   85.170
_cell.length_c   69.810
_cell.angle_alpha   90.000
_cell.angle_beta   113.340
_cell.angle_gamma   90.000
#
_symmetry.space_group_name_H-M   'P 1 21 1'
#
loop_
_entity.id
_entity.type
_entity.pdbx_description
1 polymer 'RNA-directed RNA polymerase NS5'
2 non-polymer 'ZINC ION'
3 non-polymer '2,4-dimethoxy-5-thiophen-2-yl-benzoic acid'
4 non-polymer 3-methoxybenzenesulfonamide
5 water water
#
_entity_poly.entity_id   1
_entity_poly.type   'polypeptide(L)'
_entity_poly.pdbx_seq_one_letter_code
;MHHHHHHSSGVDLGTENLYFQSMAEAPNMKIIGNRIERIRSEHAETWFFDENHPYRTWAYHGSYEAPTQGSASSLINGVV
RLLSKPWDVVTGVTGIAMTDTTPYGQQRVFKEKVDTRVPDPQEGTRQVMSMVSSWLWKELGKHKRPRVCTKEEFINKVRS
NAALGAIFEEEKEWKTAVEAVNDPRFWALVDKEREHHLRGECQSCVYNMMGKREKKQGEFGKAKGSRAIWYMWLGARFLE
FEALGFLNEDHWMGRENSGGGVEGLGLQRLGYVLEEMSRIPGGRMYADDTAGWDTRISRFDLENEALITNQMEKGHRALA
LAIIKYTYQNKVVKVLRPAEKGKTVMDIISRQDQRGSGQVVTYALNTFTNLVVQLIRNMEAEEVLEMQDLWLLRRSEKVT
NWLQSNGWDRLKRMAVSGDDCVVKPIDDRFAHALRFLNDMGKVRKDTQEWKPSTGWDNWEEVPFCSHHFNKLHLKDGRSI
VVPCRHQDELIGRARVSPGAGWSIRETACLAKSYAQMWQLLYFHRRDLRLMANAICSSVPVDWVPTGRTTWSIHGKGEWM
TTEDMLVVWNRVWIEENDHMEDKTPVTKWTDIPYLGKREDLWCGSLIGHRPRTTWAENIKNTVNMVRRIIGDEEKYMDYL
STQVR
;
_entity_poly.pdbx_strand_id   A
#
loop_
_chem_comp.id
_chem_comp.type
_chem_comp.name
_chem_comp.formula
G8F non-polymer 3-methoxybenzenesulfonamide 'C7 H9 N O3 S'
G8O non-polymer '2,4-dimethoxy-5-thiophen-2-yl-benzoic acid' 'C13 H12 O4 S'
ZN non-polymer 'ZINC ION' 'Zn 2'
#
# COMPACT_ATOMS: atom_id res chain seq x y z
N PRO A 27 15.95 -20.03 15.89
CA PRO A 27 14.57 -20.46 15.63
C PRO A 27 13.92 -21.20 16.80
N ASN A 28 12.62 -20.96 17.01
CA ASN A 28 11.86 -21.62 18.06
C ASN A 28 11.18 -22.83 17.39
N MET A 29 11.88 -23.99 17.39
CA MET A 29 11.43 -25.24 16.76
C MET A 29 10.11 -25.77 17.30
N LYS A 30 9.76 -25.40 18.55
CA LYS A 30 8.50 -25.80 19.17
C LYS A 30 7.31 -25.10 18.49
N ILE A 31 7.56 -23.91 17.87
CA ILE A 31 6.57 -23.10 17.17
C ILE A 31 6.59 -23.33 15.64
N ILE A 32 7.78 -23.52 15.03
CA ILE A 32 7.89 -23.69 13.58
C ILE A 32 8.05 -25.15 13.07
N GLY A 33 8.45 -26.08 13.97
CA GLY A 33 8.67 -27.48 13.63
C GLY A 33 7.54 -28.19 12.90
N ASN A 34 6.28 -28.03 13.39
CA ASN A 34 5.11 -28.67 12.75
C ASN A 34 4.92 -28.26 11.29
N ARG A 35 5.09 -26.96 10.97
CA ARG A 35 4.98 -26.49 9.59
C ARG A 35 6.12 -27.05 8.72
N ILE A 36 7.34 -27.13 9.27
CA ILE A 36 8.51 -27.66 8.54
C ILE A 36 8.29 -29.15 8.22
N GLU A 37 7.77 -29.91 9.19
CA GLU A 37 7.48 -31.35 9.03
C GLU A 37 6.39 -31.60 7.96
N ARG A 38 5.32 -30.76 7.96
CA ARG A 38 4.26 -30.85 6.95
C ARG A 38 4.85 -30.67 5.55
N ILE A 39 5.72 -29.66 5.36
CA ILE A 39 6.33 -29.41 4.05
C ILE A 39 7.18 -30.61 3.57
N ARG A 40 8.07 -31.09 4.45
CA ARG A 40 8.95 -32.23 4.25
C ARG A 40 8.13 -33.45 3.84
N SER A 41 6.97 -33.69 4.50
CA SER A 41 6.08 -34.81 4.20
C SER A 41 5.47 -34.75 2.80
N GLU A 42 5.28 -33.54 2.28
CA GLU A 42 4.70 -33.35 0.94
C GLU A 42 5.77 -33.53 -0.16
N HIS A 43 7.06 -33.49 0.22
CA HIS A 43 8.18 -33.60 -0.72
C HIS A 43 9.29 -34.51 -0.14
N ALA A 44 8.87 -35.61 0.52
CA ALA A 44 9.76 -36.56 1.19
C ALA A 44 10.89 -37.14 0.34
N GLU A 45 10.61 -37.46 -0.93
CA GLU A 45 11.59 -38.09 -1.82
C GLU A 45 12.60 -37.13 -2.47
N THR A 46 12.31 -35.81 -2.51
CA THR A 46 13.23 -34.82 -3.09
C THR A 46 13.88 -33.96 -2.01
N TRP A 47 13.32 -33.99 -0.76
CA TRP A 47 13.86 -33.24 0.38
C TRP A 47 15.33 -33.52 0.59
N PHE A 48 16.10 -32.45 0.86
CA PHE A 48 17.54 -32.50 1.12
C PHE A 48 17.96 -31.24 1.86
N PHE A 49 19.13 -31.29 2.52
CA PHE A 49 19.72 -30.15 3.21
C PHE A 49 20.90 -29.67 2.36
N ASP A 50 20.87 -28.40 1.92
CA ASP A 50 21.93 -27.82 1.09
C ASP A 50 22.85 -27.02 1.99
N GLU A 51 24.03 -27.60 2.29
CA GLU A 51 25.02 -26.97 3.18
C GLU A 51 25.62 -25.69 2.57
N ASN A 52 25.48 -25.52 1.24
CA ASN A 52 25.96 -24.35 0.53
C ASN A 52 24.83 -23.34 0.23
N HIS A 53 23.78 -23.31 1.09
CA HIS A 53 22.66 -22.37 0.95
C HIS A 53 23.17 -20.92 1.14
N PRO A 54 22.51 -19.89 0.54
CA PRO A 54 23.04 -18.52 0.68
C PRO A 54 22.49 -17.67 1.83
N TYR A 55 21.72 -18.27 2.76
CA TYR A 55 21.05 -17.54 3.86
C TYR A 55 21.96 -17.24 5.04
N ARG A 56 22.01 -15.94 5.43
CA ARG A 56 22.85 -15.46 6.51
C ARG A 56 22.09 -15.02 7.76
N THR A 57 20.97 -14.27 7.58
CA THR A 57 20.17 -13.74 8.70
C THR A 57 18.82 -14.44 8.86
N TRP A 58 18.53 -15.40 7.98
CA TRP A 58 17.35 -16.25 8.03
C TRP A 58 17.81 -17.63 8.41
N ALA A 59 17.06 -18.32 9.27
CA ALA A 59 17.39 -19.72 9.65
C ALA A 59 17.01 -20.56 8.44
N TYR A 60 17.85 -21.54 8.06
CA TYR A 60 17.57 -22.41 6.90
C TYR A 60 17.26 -23.82 7.39
N HIS A 61 16.23 -24.47 6.82
CA HIS A 61 15.79 -25.78 7.31
C HIS A 61 15.91 -26.89 6.30
N GLY A 62 15.88 -26.57 5.02
CA GLY A 62 15.97 -27.58 3.99
C GLY A 62 15.42 -27.12 2.67
N SER A 63 15.59 -27.97 1.68
CA SER A 63 15.17 -27.75 0.32
C SER A 63 14.55 -28.99 -0.27
N TYR A 64 13.91 -28.81 -1.43
CA TYR A 64 13.34 -29.87 -2.25
C TYR A 64 13.31 -29.39 -3.70
N GLU A 65 13.16 -30.31 -4.66
CA GLU A 65 13.14 -29.98 -6.08
C GLU A 65 11.79 -29.38 -6.48
N ALA A 66 11.81 -28.29 -7.25
CA ALA A 66 10.60 -27.58 -7.68
C ALA A 66 10.54 -27.39 -9.21
N PRO A 67 9.34 -27.32 -9.85
CA PRO A 67 9.29 -27.13 -11.32
C PRO A 67 9.67 -25.73 -11.77
N LEU A 75 2.95 -9.73 -19.19
CA LEU A 75 2.56 -9.50 -20.58
C LEU A 75 1.91 -8.10 -20.82
N ILE A 76 1.77 -7.71 -22.11
CA ILE A 76 1.26 -6.42 -22.55
C ILE A 76 -0.24 -6.39 -22.87
N ASN A 77 -0.93 -5.30 -22.48
CA ASN A 77 -2.33 -5.09 -22.83
C ASN A 77 -2.28 -4.55 -24.27
N GLY A 78 -2.63 -5.40 -25.23
CA GLY A 78 -2.60 -5.06 -26.64
C GLY A 78 -3.41 -3.84 -27.03
N VAL A 79 -4.60 -3.65 -26.40
CA VAL A 79 -5.51 -2.50 -26.69
C VAL A 79 -4.82 -1.19 -26.26
N VAL A 80 -4.26 -1.17 -25.03
CA VAL A 80 -3.56 0.05 -24.58
C VAL A 80 -2.30 0.29 -25.42
N ARG A 81 -1.54 -0.78 -25.75
CA ARG A 81 -0.32 -0.58 -26.54
C ARG A 81 -0.65 0.05 -27.92
N LEU A 82 -1.72 -0.47 -28.58
CA LEU A 82 -2.11 0.03 -29.91
C LEU A 82 -2.49 1.50 -29.88
N LEU A 83 -2.95 1.96 -28.70
CA LEU A 83 -3.37 3.37 -28.55
C LEU A 83 -2.37 4.29 -27.82
N SER A 84 -1.12 3.81 -27.64
CA SER A 84 -0.08 4.57 -26.97
C SER A 84 1.27 4.42 -27.66
N LYS A 85 1.27 4.39 -29.02
CA LYS A 85 2.48 4.24 -29.84
C LYS A 85 3.64 5.18 -29.42
N PRO A 86 3.44 6.49 -29.12
CA PRO A 86 4.59 7.34 -28.71
C PRO A 86 5.36 6.86 -27.49
N TRP A 87 4.73 6.00 -26.68
CA TRP A 87 5.34 5.51 -25.46
C TRP A 87 6.04 4.18 -25.68
N ASP A 88 6.08 3.68 -26.93
CA ASP A 88 6.80 2.44 -27.20
C ASP A 88 8.32 2.64 -27.00
N VAL A 89 8.82 3.87 -27.24
CA VAL A 89 10.23 4.28 -27.17
C VAL A 89 10.61 4.97 -25.84
N VAL A 90 9.65 5.03 -24.88
CA VAL A 90 9.88 5.69 -23.59
C VAL A 90 10.18 4.58 -22.56
N THR A 91 11.46 4.45 -22.13
CA THR A 91 11.90 3.40 -21.17
C THR A 91 11.17 3.50 -19.83
N GLY A 92 10.84 4.73 -19.42
CA GLY A 92 10.06 5.01 -18.22
C GLY A 92 8.74 4.26 -18.25
N VAL A 93 8.18 4.04 -19.47
CA VAL A 93 6.94 3.31 -19.69
C VAL A 93 7.19 1.78 -19.83
N THR A 94 8.07 1.39 -20.78
CA THR A 94 8.31 -0.02 -21.12
C THR A 94 9.02 -0.80 -20.00
N GLY A 95 9.83 -0.10 -19.20
CA GLY A 95 10.57 -0.67 -18.07
C GLY A 95 9.67 -1.23 -16.98
N ILE A 96 8.46 -0.66 -16.81
CA ILE A 96 7.48 -1.10 -15.80
C ILE A 96 6.97 -2.55 -16.06
N ALA A 97 6.90 -2.95 -17.34
CA ALA A 97 6.43 -4.27 -17.79
C ALA A 97 7.34 -5.43 -17.33
N GLY A 105 16.73 -13.84 -10.08
CA GLY A 105 15.93 -12.64 -9.91
C GLY A 105 15.40 -12.49 -8.49
N GLN A 106 14.62 -13.50 -8.05
CA GLN A 106 14.03 -13.56 -6.70
C GLN A 106 15.13 -13.63 -5.62
N GLN A 107 16.21 -14.41 -5.88
CA GLN A 107 17.35 -14.57 -4.98
C GLN A 107 18.12 -13.24 -4.80
N ARG A 108 18.30 -12.48 -5.92
CA ARG A 108 18.97 -11.17 -5.95
C ARG A 108 18.27 -10.16 -5.03
N VAL A 109 16.92 -10.08 -5.13
CA VAL A 109 16.05 -9.22 -4.30
C VAL A 109 16.17 -9.65 -2.83
N PHE A 110 16.16 -10.98 -2.58
CA PHE A 110 16.29 -11.54 -1.24
C PHE A 110 17.61 -11.15 -0.57
N LYS A 111 18.76 -11.46 -1.20
CA LYS A 111 20.09 -11.18 -0.66
C LYS A 111 20.34 -9.70 -0.35
N GLU A 112 19.92 -8.81 -1.27
CA GLU A 112 20.13 -7.38 -1.15
C GLU A 112 19.15 -6.65 -0.22
N LYS A 113 17.84 -7.02 -0.25
CA LYS A 113 16.83 -6.30 0.52
C LYS A 113 16.22 -7.02 1.73
N VAL A 114 16.14 -8.36 1.73
CA VAL A 114 15.45 -9.11 2.80
C VAL A 114 16.42 -9.86 3.77
N ASP A 115 17.59 -10.32 3.28
CA ASP A 115 18.54 -11.07 4.12
C ASP A 115 19.50 -10.13 4.84
N THR A 116 18.92 -9.27 5.70
CA THR A 116 19.66 -8.29 6.50
C THR A 116 19.18 -8.34 7.94
N ARG A 117 20.01 -7.79 8.85
CA ARG A 117 19.68 -7.70 10.27
C ARG A 117 20.32 -6.43 10.84
N VAL A 118 19.68 -5.83 11.85
CA VAL A 118 20.14 -4.62 12.55
C VAL A 118 20.14 -4.86 14.07
N PRO A 119 20.89 -4.07 14.88
CA PRO A 119 20.88 -4.30 16.35
C PRO A 119 19.54 -4.03 17.01
N ASP A 120 19.31 -4.61 18.20
CA ASP A 120 18.12 -4.32 18.99
C ASP A 120 18.17 -2.87 19.45
N PRO A 121 17.01 -2.17 19.56
CA PRO A 121 17.03 -0.83 20.17
C PRO A 121 17.46 -0.98 21.63
N GLN A 122 17.95 0.11 22.23
CA GLN A 122 18.35 0.08 23.63
C GLN A 122 17.11 -0.06 24.54
N GLU A 123 17.31 -0.38 25.84
CA GLU A 123 16.21 -0.63 26.78
C GLU A 123 15.25 0.54 26.92
N GLY A 124 15.79 1.77 27.03
CA GLY A 124 14.96 2.96 27.18
C GLY A 124 14.09 3.18 25.94
N THR A 125 14.71 3.08 24.75
CA THR A 125 13.97 3.18 23.48
C THR A 125 12.80 2.17 23.47
N ARG A 126 13.08 0.90 23.87
CA ARG A 126 12.05 -0.16 23.92
C ARG A 126 10.91 0.21 24.90
N GLN A 127 11.25 0.82 26.07
CA GLN A 127 10.23 1.25 27.04
C GLN A 127 9.35 2.37 26.44
N VAL A 128 9.97 3.35 25.77
CA VAL A 128 9.24 4.43 25.12
C VAL A 128 8.30 3.83 24.05
N MET A 129 8.82 2.91 23.22
CA MET A 129 8.02 2.28 22.16
C MET A 129 6.81 1.61 22.75
N SER A 130 7.02 0.88 23.87
CA SER A 130 5.90 0.15 24.47
C SER A 130 4.85 1.10 25.07
N MET A 131 5.32 2.17 25.75
CA MET A 131 4.42 3.15 26.41
C MET A 131 3.56 3.86 25.34
N VAL A 132 4.20 4.31 24.25
CA VAL A 132 3.48 5.03 23.20
C VAL A 132 2.52 4.05 22.47
N SER A 133 2.95 2.80 22.23
CA SER A 133 2.07 1.83 21.56
C SER A 133 0.85 1.52 22.44
N SER A 134 1.08 1.34 23.75
CA SER A 134 -0.03 1.06 24.66
C SER A 134 -1.03 2.24 24.68
N TRP A 135 -0.50 3.49 24.73
CA TRP A 135 -1.33 4.70 24.74
C TRP A 135 -2.12 4.79 23.44
N LEU A 136 -1.45 4.56 22.30
CA LEU A 136 -2.13 4.64 21.00
C LEU A 136 -3.22 3.60 20.85
N TRP A 137 -2.96 2.32 21.21
CA TRP A 137 -4.02 1.31 21.11
C TRP A 137 -5.22 1.73 21.97
N LYS A 138 -4.96 2.29 23.16
CA LYS A 138 -6.08 2.71 24.02
C LYS A 138 -6.89 3.83 23.41
N GLU A 139 -6.23 4.79 22.75
CA GLU A 139 -6.92 5.90 22.06
C GLU A 139 -7.76 5.34 20.90
N LEU A 140 -7.17 4.44 20.10
CA LEU A 140 -7.90 3.86 18.96
C LEU A 140 -9.12 3.02 19.37
N GLY A 141 -9.05 2.41 20.54
CA GLY A 141 -10.12 1.55 21.05
C GLY A 141 -11.10 2.25 21.97
N LYS A 142 -10.95 3.56 22.15
CA LYS A 142 -11.86 4.32 23.03
C LYS A 142 -13.31 4.28 22.50
N HIS A 143 -13.48 4.44 21.16
CA HIS A 143 -14.80 4.48 20.51
C HIS A 143 -15.08 3.31 19.57
N LYS A 144 -14.32 2.21 19.72
CA LYS A 144 -14.45 0.99 18.92
C LYS A 144 -14.15 -0.22 19.77
N ARG A 145 -14.79 -1.35 19.46
CA ARG A 145 -14.56 -2.58 20.20
C ARG A 145 -14.08 -3.66 19.23
N PRO A 146 -12.97 -4.38 19.53
CA PRO A 146 -12.55 -5.47 18.64
C PRO A 146 -13.63 -6.55 18.47
N ARG A 147 -13.64 -7.19 17.30
CA ARG A 147 -14.62 -8.22 16.99
C ARG A 147 -14.05 -9.24 16.02
N VAL A 148 -14.63 -10.44 16.03
CA VAL A 148 -14.26 -11.52 15.13
C VAL A 148 -14.99 -11.23 13.82
N CYS A 149 -14.27 -11.28 12.69
CA CYS A 149 -14.89 -11.11 11.39
C CYS A 149 -15.35 -12.47 10.90
N THR A 150 -16.49 -12.51 10.20
CA THR A 150 -17.16 -13.76 9.81
C THR A 150 -16.77 -14.35 8.45
N LYS A 151 -17.06 -15.66 8.31
CA LYS A 151 -16.89 -16.49 7.10
C LYS A 151 -17.66 -15.82 5.96
N GLU A 152 -18.88 -15.30 6.27
CA GLU A 152 -19.76 -14.60 5.33
C GLU A 152 -19.18 -13.25 4.91
N GLU A 153 -18.53 -12.50 5.85
CA GLU A 153 -17.89 -11.23 5.54
C GLU A 153 -16.75 -11.41 4.53
N PHE A 154 -16.00 -12.53 4.67
CA PHE A 154 -14.89 -12.89 3.80
C PHE A 154 -15.38 -13.30 2.41
N ILE A 155 -16.50 -14.06 2.34
CA ILE A 155 -17.14 -14.52 1.10
C ILE A 155 -17.63 -13.32 0.25
N ASN A 156 -18.31 -12.35 0.89
CA ASN A 156 -18.81 -11.14 0.23
C ASN A 156 -17.68 -10.21 -0.24
N LYS A 157 -16.51 -10.30 0.43
CA LYS A 157 -15.31 -9.51 0.13
C LYS A 157 -14.56 -10.00 -1.12
N VAL A 158 -14.42 -11.34 -1.30
CA VAL A 158 -13.70 -11.94 -2.43
C VAL A 158 -14.38 -11.69 -3.80
N ARG A 159 -15.70 -11.39 -3.79
CA ARG A 159 -16.48 -11.12 -4.99
C ARG A 159 -16.33 -9.63 -5.42
N SER A 160 -15.08 -9.22 -5.73
CA SER A 160 -14.72 -7.87 -6.16
C SER A 160 -14.09 -7.87 -7.56
N VAL A 181 -13.62 -21.64 -1.88
CA VAL A 181 -14.48 -20.70 -1.16
C VAL A 181 -15.96 -21.12 -1.28
N ASN A 182 -16.42 -21.44 -2.51
CA ASN A 182 -17.78 -21.94 -2.75
C ASN A 182 -17.83 -23.46 -2.53
N ASP A 183 -16.63 -24.08 -2.38
CA ASP A 183 -16.43 -25.50 -2.09
C ASP A 183 -16.35 -25.68 -0.56
N PRO A 184 -17.16 -26.58 0.05
CA PRO A 184 -17.09 -26.74 1.52
C PRO A 184 -15.83 -27.42 2.05
N ARG A 185 -15.04 -28.07 1.16
CA ARG A 185 -13.78 -28.74 1.52
C ARG A 185 -12.71 -27.74 1.96
N PHE A 186 -12.77 -26.50 1.44
CA PHE A 186 -11.88 -25.39 1.77
C PHE A 186 -12.11 -24.97 3.22
N TRP A 187 -13.39 -24.76 3.61
CA TRP A 187 -13.78 -24.38 4.96
C TRP A 187 -13.52 -25.50 5.97
N ALA A 188 -13.45 -26.77 5.50
CA ALA A 188 -13.12 -27.94 6.33
C ALA A 188 -11.62 -27.87 6.66
N LEU A 189 -10.78 -27.46 5.68
CA LEU A 189 -9.34 -27.26 5.87
C LEU A 189 -9.13 -26.08 6.83
N VAL A 190 -9.91 -24.98 6.63
CA VAL A 190 -9.92 -23.77 7.45
C VAL A 190 -10.29 -24.11 8.92
N ASP A 191 -11.35 -24.94 9.13
CA ASP A 191 -11.76 -25.37 10.47
C ASP A 191 -10.68 -26.22 11.13
N LYS A 192 -10.03 -27.10 10.35
CA LYS A 192 -8.96 -27.98 10.83
C LYS A 192 -7.78 -27.14 11.37
N GLU A 193 -7.29 -26.18 10.55
CA GLU A 193 -6.19 -25.31 10.96
C GLU A 193 -6.59 -24.46 12.17
N ARG A 194 -7.84 -23.96 12.22
CA ARG A 194 -8.36 -23.20 13.37
C ARG A 194 -8.26 -24.03 14.66
N GLU A 195 -8.61 -25.35 14.57
CA GLU A 195 -8.55 -26.27 15.71
C GLU A 195 -7.11 -26.45 16.17
N HIS A 196 -6.15 -26.50 15.23
CA HIS A 196 -4.75 -26.56 15.63
C HIS A 196 -4.38 -25.30 16.41
N HIS A 197 -4.80 -24.11 15.91
CA HIS A 197 -4.51 -22.82 16.55
C HIS A 197 -5.06 -22.76 17.95
N LEU A 198 -6.32 -23.20 18.14
CA LEU A 198 -6.95 -23.20 19.47
C LEU A 198 -6.28 -24.15 20.48
N ARG A 199 -5.52 -25.16 20.00
CA ARG A 199 -4.75 -26.11 20.82
C ARG A 199 -3.33 -25.58 21.11
N GLY A 200 -2.86 -24.63 20.32
CA GLY A 200 -1.51 -24.08 20.47
C GLY A 200 -0.54 -24.65 19.46
N GLU A 201 -1.03 -24.97 18.25
CA GLU A 201 -0.26 -25.52 17.13
C GLU A 201 -0.59 -24.86 15.78
N CYS A 202 0.35 -24.94 14.80
CA CYS A 202 0.13 -24.41 13.45
C CYS A 202 0.74 -25.40 12.47
N GLN A 203 -0.05 -25.79 11.46
CA GLN A 203 0.41 -26.76 10.46
C GLN A 203 0.63 -26.20 9.05
N SER A 204 -0.08 -25.09 8.69
CA SER A 204 -0.03 -24.62 7.31
C SER A 204 0.04 -23.11 7.07
N CYS A 205 0.27 -22.29 8.10
CA CYS A 205 0.40 -20.84 7.88
C CYS A 205 1.86 -20.52 7.50
N VAL A 206 2.15 -20.77 6.22
CA VAL A 206 3.47 -20.65 5.60
C VAL A 206 3.38 -19.65 4.43
N TYR A 207 4.40 -18.81 4.26
CA TYR A 207 4.44 -17.87 3.13
C TYR A 207 5.15 -18.48 1.92
N ASN A 208 4.78 -18.05 0.72
CA ASN A 208 5.47 -18.34 -0.53
C ASN A 208 6.04 -16.99 -0.95
N MET A 209 7.37 -16.85 -0.92
CA MET A 209 7.97 -15.57 -1.28
C MET A 209 8.22 -15.43 -2.76
N MET A 210 7.76 -14.29 -3.31
CA MET A 210 7.92 -13.93 -4.71
C MET A 210 8.63 -12.58 -4.80
N GLY A 211 9.84 -12.60 -5.36
CA GLY A 211 10.67 -11.42 -5.54
C GLY A 211 10.42 -10.74 -6.87
N LYS A 212 10.30 -9.39 -6.84
CA LYS A 212 10.11 -8.58 -8.04
C LYS A 212 11.33 -7.68 -8.24
N ARG A 213 12.19 -8.04 -9.22
CA ARG A 213 13.43 -7.33 -9.56
C ARG A 213 13.20 -6.33 -10.71
N ARG A 227 11.35 -5.21 -4.79
CA ARG A 227 10.68 -5.54 -3.54
C ARG A 227 10.29 -7.02 -3.42
N ALA A 228 9.96 -7.46 -2.20
CA ALA A 228 9.53 -8.83 -1.92
C ALA A 228 8.04 -8.86 -1.62
N ILE A 229 7.33 -9.80 -2.27
CA ILE A 229 5.90 -10.01 -2.05
C ILE A 229 5.74 -11.38 -1.41
N TRP A 230 5.13 -11.42 -0.23
CA TRP A 230 4.94 -12.66 0.49
C TRP A 230 3.48 -13.09 0.31
N TYR A 231 3.29 -14.29 -0.25
CA TYR A 231 1.98 -14.85 -0.52
C TYR A 231 1.64 -15.92 0.51
N MET A 232 0.36 -16.10 0.80
CA MET A 232 -0.12 -17.15 1.70
C MET A 232 -1.41 -17.68 1.09
N TRP A 233 -1.70 -18.96 1.31
CA TRP A 233 -2.92 -19.57 0.78
C TRP A 233 -4.16 -18.92 1.40
N LEU A 234 -5.26 -18.88 0.64
CA LEU A 234 -6.53 -18.24 1.02
C LEU A 234 -7.02 -18.60 2.44
N GLY A 235 -6.77 -19.84 2.88
CA GLY A 235 -7.13 -20.32 4.20
C GLY A 235 -6.46 -19.59 5.33
N ALA A 236 -5.13 -19.35 5.20
CA ALA A 236 -4.33 -18.62 6.17
C ALA A 236 -4.78 -17.16 6.21
N ARG A 237 -5.05 -16.57 5.01
CA ARG A 237 -5.57 -15.20 4.90
C ARG A 237 -6.95 -15.08 5.57
N PHE A 238 -7.80 -16.13 5.44
CA PHE A 238 -9.10 -16.12 6.13
C PHE A 238 -8.90 -16.09 7.65
N LEU A 239 -8.06 -17.01 8.19
CA LEU A 239 -7.79 -17.06 9.63
C LEU A 239 -7.26 -15.73 10.15
N GLU A 240 -6.43 -15.06 9.36
CA GLU A 240 -5.93 -13.74 9.74
C GLU A 240 -7.08 -12.73 9.76
N PHE A 241 -7.91 -12.73 8.70
CA PHE A 241 -9.07 -11.84 8.59
C PHE A 241 -10.02 -12.06 9.77
N GLU A 242 -10.28 -13.33 10.11
CA GLU A 242 -11.16 -13.72 11.22
C GLU A 242 -10.73 -13.03 12.53
N ALA A 243 -9.43 -13.14 12.86
CA ALA A 243 -8.88 -12.63 14.11
C ALA A 243 -8.60 -11.14 14.12
N LEU A 244 -8.07 -10.58 13.01
CA LEU A 244 -7.62 -9.18 13.02
C LEU A 244 -8.25 -8.24 11.97
N GLY A 245 -9.07 -8.79 11.06
CA GLY A 245 -9.73 -8.00 10.02
C GLY A 245 -10.54 -6.83 10.53
N PHE A 246 -11.01 -6.88 11.81
CA PHE A 246 -11.77 -5.76 12.41
C PHE A 246 -11.02 -4.41 12.27
N LEU A 247 -9.67 -4.46 12.28
CA LEU A 247 -8.89 -3.24 12.17
C LEU A 247 -9.21 -2.48 10.87
N ASN A 248 -9.43 -3.24 9.79
CA ASN A 248 -9.78 -2.70 8.47
C ASN A 248 -11.28 -2.47 8.36
N GLU A 249 -12.06 -3.52 8.63
CA GLU A 249 -13.53 -3.50 8.49
C GLU A 249 -14.18 -2.41 9.30
N ASP A 250 -13.69 -2.14 10.51
CA ASP A 250 -14.25 -1.12 11.37
C ASP A 250 -13.42 0.16 11.38
N HIS A 251 -12.53 0.32 10.36
CA HIS A 251 -11.76 1.54 10.13
C HIS A 251 -11.05 2.10 11.37
N TRP A 252 -10.33 1.24 12.08
CA TRP A 252 -9.54 1.70 13.23
C TRP A 252 -8.51 2.80 12.83
N MET A 253 -7.95 2.69 11.59
CA MET A 253 -6.96 3.65 11.10
C MET A 253 -7.58 4.77 10.24
N GLY A 254 -8.92 4.89 10.24
CA GLY A 254 -9.57 6.01 9.58
C GLY A 254 -9.18 7.29 10.30
N ARG A 255 -9.23 8.43 9.61
CA ARG A 255 -8.81 9.73 10.17
C ARG A 255 -9.63 10.14 11.41
N GLU A 256 -10.95 9.84 11.38
CA GLU A 256 -11.81 10.18 12.52
C GLU A 256 -11.36 9.45 13.78
N ASN A 257 -10.99 8.17 13.65
CA ASN A 257 -10.64 7.39 14.82
C ASN A 257 -9.20 7.57 15.28
N SER A 258 -8.29 7.84 14.33
CA SER A 258 -6.86 7.84 14.64
C SER A 258 -6.16 9.17 14.58
N GLY A 259 -6.83 10.19 14.05
CA GLY A 259 -6.31 11.54 13.90
C GLY A 259 -5.30 11.67 12.76
N GLY A 260 -4.32 10.75 12.73
CA GLY A 260 -3.25 10.81 11.75
C GLY A 260 -3.43 9.89 10.56
N GLY A 261 -4.27 8.86 10.70
CA GLY A 261 -4.55 7.89 9.63
C GLY A 261 -5.36 8.53 8.51
N VAL A 262 -5.44 7.83 7.35
CA VAL A 262 -6.19 8.29 6.15
C VAL A 262 -6.90 7.08 5.52
N GLU A 263 -7.04 6.00 6.29
CA GLU A 263 -7.68 4.79 5.75
C GLU A 263 -9.12 5.07 5.35
N GLY A 264 -9.49 4.62 4.16
CA GLY A 264 -10.84 4.82 3.65
C GLY A 264 -10.99 6.05 2.80
N LEU A 265 -9.93 6.91 2.76
CA LEU A 265 -9.99 8.10 1.94
C LEU A 265 -9.52 7.75 0.54
N GLY A 266 -10.21 8.28 -0.45
CA GLY A 266 -9.80 8.04 -1.83
C GLY A 266 -8.65 8.96 -2.18
N LEU A 267 -7.95 8.65 -3.27
CA LEU A 267 -6.89 9.51 -3.74
C LEU A 267 -7.38 10.96 -3.93
N GLN A 268 -8.65 11.13 -4.35
CA GLN A 268 -9.29 12.43 -4.57
C GLN A 268 -9.39 13.31 -3.32
N ARG A 269 -9.23 12.72 -2.13
CA ARG A 269 -9.33 13.44 -0.87
C ARG A 269 -7.97 13.77 -0.25
N LEU A 270 -6.93 12.98 -0.56
CA LEU A 270 -5.64 13.16 0.13
C LEU A 270 -5.00 14.52 -0.02
N GLY A 271 -5.17 15.15 -1.18
CA GLY A 271 -4.58 16.47 -1.39
C GLY A 271 -5.15 17.49 -0.41
N TYR A 272 -6.48 17.39 -0.16
CA TYR A 272 -7.12 18.31 0.77
C TYR A 272 -6.58 18.09 2.20
N VAL A 273 -6.24 16.84 2.55
CA VAL A 273 -5.67 16.56 3.90
C VAL A 273 -4.34 17.31 4.03
N LEU A 274 -3.49 17.21 2.98
CA LEU A 274 -2.19 17.90 3.01
C LEU A 274 -2.34 19.39 3.12
N GLU A 275 -3.30 19.95 2.35
CA GLU A 275 -3.59 21.39 2.41
C GLU A 275 -4.05 21.78 3.81
N GLU A 276 -4.96 20.99 4.45
CA GLU A 276 -5.40 21.30 5.82
C GLU A 276 -4.18 21.31 6.75
N MET A 277 -3.32 20.29 6.62
CA MET A 277 -2.12 20.22 7.48
C MET A 277 -1.19 21.41 7.26
N SER A 278 -1.13 21.96 6.01
CA SER A 278 -0.22 23.08 5.70
C SER A 278 -0.60 24.33 6.47
N ARG A 279 -1.86 24.40 6.93
CA ARG A 279 -2.39 25.56 7.64
C ARG A 279 -2.18 25.47 9.15
N ILE A 280 -1.83 24.28 9.66
CA ILE A 280 -1.57 24.13 11.11
C ILE A 280 -0.27 24.86 11.42
N PRO A 281 -0.25 25.82 12.39
CA PRO A 281 1.02 26.52 12.68
C PRO A 281 2.13 25.56 13.09
N GLY A 282 3.36 25.88 12.72
CA GLY A 282 4.50 25.05 13.10
C GLY A 282 5.63 25.09 12.12
N GLY A 283 6.39 23.99 12.04
CA GLY A 283 7.54 23.90 11.13
C GLY A 283 7.14 23.50 9.73
N ARG A 284 8.13 23.14 8.91
CA ARG A 284 7.91 22.65 7.55
C ARG A 284 7.18 21.29 7.59
N MET A 285 6.74 20.81 6.41
CA MET A 285 6.10 19.53 6.25
C MET A 285 7.19 18.56 5.90
N TYR A 286 7.30 17.47 6.69
CA TYR A 286 8.33 16.45 6.50
C TYR A 286 7.71 15.19 5.95
N ALA A 287 8.36 14.62 4.93
CA ALA A 287 7.84 13.42 4.29
C ALA A 287 9.03 12.51 4.02
N ASP A 288 9.60 11.95 5.08
CA ASP A 288 10.75 11.08 4.94
C ASP A 288 10.29 9.67 4.69
N ASP A 289 10.81 9.04 3.64
CA ASP A 289 10.51 7.66 3.28
C ASP A 289 11.51 6.72 3.94
N GLY A 292 13.03 0.43 2.80
CA GLY A 292 12.51 -0.92 3.05
C GLY A 292 11.82 -1.03 4.41
N TRP A 293 10.73 -0.26 4.59
CA TRP A 293 9.99 -0.24 5.86
C TRP A 293 9.69 -1.66 6.43
N ASP A 294 9.10 -2.56 5.62
CA ASP A 294 8.72 -3.89 6.09
C ASP A 294 9.91 -4.67 6.66
N THR A 295 11.13 -4.49 6.07
CA THR A 295 12.32 -5.18 6.55
C THR A 295 12.85 -4.59 7.87
N ARG A 296 12.41 -3.36 8.24
CA ARG A 296 12.85 -2.68 9.46
C ARG A 296 11.88 -2.85 10.62
N ILE A 297 10.79 -3.61 10.42
CA ILE A 297 9.86 -3.89 11.54
C ILE A 297 10.58 -4.90 12.46
N SER A 298 10.78 -4.53 13.73
CA SER A 298 11.52 -5.39 14.64
C SER A 298 10.61 -6.33 15.42
N ARG A 299 11.24 -7.26 16.16
CA ARG A 299 10.45 -8.16 17.02
C ARG A 299 9.75 -7.36 18.10
N PHE A 300 10.34 -6.21 18.52
CA PHE A 300 9.75 -5.31 19.52
C PHE A 300 8.53 -4.58 18.92
N ASP A 301 8.63 -4.14 17.64
CA ASP A 301 7.45 -3.54 16.96
C ASP A 301 6.30 -4.55 16.97
N LEU A 302 6.60 -5.82 16.59
CA LEU A 302 5.60 -6.91 16.55
C LEU A 302 4.95 -7.14 17.90
N GLU A 303 5.73 -7.10 18.99
CA GLU A 303 5.16 -7.25 20.34
C GLU A 303 4.25 -6.07 20.69
N ASN A 304 4.64 -4.84 20.28
CA ASN A 304 3.83 -3.66 20.58
C ASN A 304 2.54 -3.64 19.76
N GLU A 305 2.60 -4.19 18.52
CA GLU A 305 1.43 -4.30 17.68
C GLU A 305 0.45 -5.30 18.30
N ALA A 306 1.00 -6.34 18.93
CA ALA A 306 0.19 -7.41 19.56
C ALA A 306 -0.57 -6.96 20.81
N LEU A 307 -0.27 -5.76 21.37
CA LEU A 307 -0.94 -5.24 22.58
C LEU A 307 -2.45 -5.06 22.36
N ILE A 308 -2.89 -5.07 21.08
CA ILE A 308 -4.33 -5.00 20.76
C ILE A 308 -5.11 -6.17 21.38
N THR A 309 -4.46 -7.35 21.57
CA THR A 309 -5.13 -8.55 22.16
C THR A 309 -5.70 -8.28 23.55
N ASN A 310 -5.15 -7.30 24.27
CA ASN A 310 -5.58 -6.88 25.62
C ASN A 310 -6.99 -6.30 25.63
N GLN A 311 -7.50 -5.91 24.47
CA GLN A 311 -8.84 -5.31 24.34
C GLN A 311 -9.85 -6.32 23.83
N MET A 312 -9.40 -7.57 23.63
CA MET A 312 -10.22 -8.64 23.09
C MET A 312 -10.84 -9.51 24.18
N GLU A 313 -12.04 -10.04 23.90
CA GLU A 313 -12.62 -11.01 24.83
C GLU A 313 -11.90 -12.35 24.60
N LYS A 314 -11.88 -13.25 25.61
CA LYS A 314 -11.15 -14.52 25.61
C LYS A 314 -11.16 -15.36 24.31
N GLY A 315 -12.33 -15.65 23.73
CA GLY A 315 -12.43 -16.47 22.52
C GLY A 315 -11.67 -15.86 21.35
N HIS A 316 -11.96 -14.58 21.11
CA HIS A 316 -11.34 -13.77 20.06
C HIS A 316 -9.83 -13.68 20.32
N ARG A 317 -9.44 -13.40 21.58
CA ARG A 317 -8.04 -13.32 21.97
C ARG A 317 -7.26 -14.58 21.58
N ALA A 318 -7.82 -15.79 21.80
CA ALA A 318 -7.17 -17.06 21.46
C ALA A 318 -6.85 -17.17 19.97
N LEU A 319 -7.82 -16.75 19.12
CA LEU A 319 -7.68 -16.76 17.66
C LEU A 319 -6.60 -15.75 17.24
N ALA A 320 -6.62 -14.53 17.84
CA ALA A 320 -5.64 -13.47 17.48
C ALA A 320 -4.22 -13.81 17.93
N LEU A 321 -4.05 -14.35 19.15
CA LEU A 321 -2.72 -14.71 19.65
C LEU A 321 -2.04 -15.75 18.76
N ALA A 322 -2.83 -16.69 18.20
CA ALA A 322 -2.29 -17.72 17.30
C ALA A 322 -1.81 -17.07 15.97
N ILE A 323 -2.62 -16.15 15.39
CA ILE A 323 -2.20 -15.44 14.14
C ILE A 323 -0.91 -14.68 14.41
N ILE A 324 -0.87 -13.93 15.50
CA ILE A 324 0.34 -13.16 15.85
C ILE A 324 1.56 -14.10 16.01
N LYS A 325 1.39 -15.25 16.70
CA LYS A 325 2.49 -16.18 16.94
C LYS A 325 3.07 -16.80 15.66
N TYR A 326 2.22 -17.27 14.72
CA TYR A 326 2.63 -18.01 13.52
C TYR A 326 2.74 -17.21 12.23
N THR A 327 1.82 -16.27 12.01
CA THR A 327 1.84 -15.48 10.79
C THR A 327 2.78 -14.30 10.97
N TYR A 328 2.85 -13.71 12.17
CA TYR A 328 3.65 -12.50 12.34
C TYR A 328 4.99 -12.68 12.99
N GLN A 329 5.06 -13.34 14.16
CA GLN A 329 6.26 -13.42 14.99
C GLN A 329 7.18 -14.65 14.84
N ASN A 330 6.71 -15.72 14.19
CA ASN A 330 7.50 -16.95 13.98
C ASN A 330 7.15 -17.45 12.61
N LYS A 331 7.65 -16.73 11.59
CA LYS A 331 7.32 -17.00 10.20
C LYS A 331 8.12 -18.12 9.58
N VAL A 332 7.49 -18.86 8.67
CA VAL A 332 8.07 -19.96 7.89
C VAL A 332 7.77 -19.57 6.44
N VAL A 333 8.82 -19.56 5.59
CA VAL A 333 8.71 -19.09 4.22
C VAL A 333 9.33 -20.07 3.26
N LYS A 334 8.69 -20.27 2.10
CA LYS A 334 9.13 -21.06 0.95
C LYS A 334 9.70 -20.05 -0.09
N VAL A 335 10.97 -20.22 -0.54
CA VAL A 335 11.59 -19.33 -1.54
C VAL A 335 12.25 -20.16 -2.65
N LEU A 336 12.09 -19.77 -3.94
CA LEU A 336 12.76 -20.45 -5.06
C LEU A 336 14.21 -20.01 -5.21
N ARG A 337 15.07 -20.94 -5.66
CA ARG A 337 16.50 -20.72 -5.88
C ARG A 337 16.98 -21.54 -7.10
N PRO A 338 17.78 -20.95 -8.03
CA PRO A 338 18.26 -21.74 -9.17
C PRO A 338 19.27 -22.82 -8.75
N ALA A 339 19.24 -23.96 -9.46
CA ALA A 339 20.13 -25.09 -9.21
C ALA A 339 20.98 -25.44 -10.47
N GLU A 340 21.50 -26.68 -10.55
CA GLU A 340 22.35 -27.14 -11.66
C GLU A 340 21.56 -27.47 -12.93
N LYS A 341 22.18 -27.17 -14.10
CA LYS A 341 21.69 -27.44 -15.45
C LYS A 341 20.22 -27.05 -15.69
N GLY A 342 19.93 -25.77 -15.46
CA GLY A 342 18.62 -25.16 -15.67
C GLY A 342 17.48 -25.60 -14.77
N LYS A 343 17.78 -26.27 -13.64
CA LYS A 343 16.73 -26.72 -12.71
C LYS A 343 16.58 -25.75 -11.52
N THR A 344 15.51 -25.92 -10.73
CA THR A 344 15.19 -25.02 -9.62
C THR A 344 14.88 -25.80 -8.33
N VAL A 345 15.25 -25.21 -7.18
CA VAL A 345 14.96 -25.77 -5.84
C VAL A 345 14.16 -24.77 -5.02
N MET A 346 13.39 -25.29 -4.05
CA MET A 346 12.61 -24.50 -3.10
C MET A 346 13.29 -24.62 -1.74
N ASP A 347 13.52 -23.50 -1.05
CA ASP A 347 14.17 -23.43 0.26
C ASP A 347 13.16 -23.13 1.35
N ILE A 348 13.32 -23.75 2.53
CA ILE A 348 12.44 -23.54 3.68
C ILE A 348 13.24 -22.78 4.70
N ILE A 349 12.85 -21.52 4.93
CA ILE A 349 13.55 -20.63 5.83
C ILE A 349 12.60 -20.02 6.86
N SER A 350 13.15 -19.43 7.93
CA SER A 350 12.38 -18.81 8.99
C SER A 350 13.02 -17.54 9.55
N ARG A 351 12.19 -16.65 10.10
N ARG A 351 12.17 -16.66 10.12
CA ARG A 351 12.62 -15.38 10.69
CA ARG A 351 12.58 -15.36 10.65
C ARG A 351 11.56 -14.90 11.68
C ARG A 351 11.55 -14.91 11.68
N GLN A 352 12.02 -14.37 12.81
CA GLN A 352 11.13 -13.87 13.86
C GLN A 352 10.70 -12.40 13.67
N ASP A 353 11.56 -11.55 13.11
CA ASP A 353 11.15 -10.17 12.90
C ASP A 353 10.83 -9.89 11.41
N GLN A 354 10.70 -8.59 11.05
CA GLN A 354 10.28 -8.12 9.73
C GLN A 354 8.77 -8.32 9.56
N ARG A 355 8.18 -7.54 8.65
CA ARG A 355 6.78 -7.65 8.28
C ARG A 355 6.65 -8.58 7.06
N GLY A 356 5.68 -9.48 7.16
CA GLY A 356 5.31 -10.39 6.09
C GLY A 356 4.40 -9.61 5.16
N SER A 357 5.01 -8.92 4.19
CA SER A 357 4.31 -8.04 3.24
C SER A 357 3.12 -8.70 2.54
N GLY A 358 2.07 -7.93 2.32
CA GLY A 358 0.87 -8.38 1.61
C GLY A 358 -0.14 -9.19 2.40
N GLN A 359 -0.08 -9.16 3.75
CA GLN A 359 -1.05 -9.89 4.56
C GLN A 359 -2.33 -9.03 4.75
N VAL A 360 -3.40 -9.61 5.33
CA VAL A 360 -4.68 -8.91 5.48
C VAL A 360 -4.56 -7.56 6.25
N VAL A 361 -3.81 -7.53 7.36
CA VAL A 361 -3.74 -6.30 8.16
C VAL A 361 -2.34 -5.66 8.13
N THR A 362 -1.53 -5.99 7.12
CA THR A 362 -0.20 -5.39 6.96
C THR A 362 -0.31 -3.85 6.98
N TYR A 363 -1.24 -3.33 6.18
CA TYR A 363 -1.42 -1.89 6.04
C TYR A 363 -1.78 -1.28 7.38
N ALA A 364 -2.78 -1.85 8.08
CA ALA A 364 -3.22 -1.27 9.37
C ALA A 364 -2.09 -1.26 10.40
N LEU A 365 -1.32 -2.36 10.47
CA LEU A 365 -0.21 -2.52 11.44
C LEU A 365 0.96 -1.61 11.09
N ASN A 366 1.26 -1.46 9.78
CA ASN A 366 2.27 -0.49 9.38
C ASN A 366 1.85 0.94 9.76
N THR A 367 0.55 1.29 9.57
CA THR A 367 0.05 2.62 9.91
C THR A 367 0.23 2.85 11.42
N PHE A 368 -0.22 1.88 12.21
CA PHE A 368 -0.08 1.91 13.66
C PHE A 368 1.38 2.23 14.06
N THR A 369 2.31 1.37 13.62
CA THR A 369 3.71 1.52 14.06
C THR A 369 4.33 2.80 13.53
N ASN A 370 3.94 3.23 12.32
CA ASN A 370 4.47 4.48 11.76
C ASN A 370 3.96 5.66 12.59
N LEU A 371 2.67 5.62 13.05
CA LEU A 371 2.16 6.65 13.95
C LEU A 371 2.99 6.69 15.28
N VAL A 372 3.28 5.52 15.86
CA VAL A 372 4.07 5.44 17.11
C VAL A 372 5.45 6.09 16.86
N VAL A 373 6.09 5.71 15.73
CA VAL A 373 7.43 6.27 15.38
C VAL A 373 7.39 7.78 15.30
N GLN A 374 6.36 8.35 14.63
CA GLN A 374 6.29 9.81 14.47
C GLN A 374 6.03 10.50 15.78
N LEU A 375 5.22 9.86 16.66
CA LEU A 375 5.00 10.49 17.97
C LEU A 375 6.33 10.54 18.73
N ILE A 376 7.13 9.45 18.64
CA ILE A 376 8.43 9.38 19.34
C ILE A 376 9.38 10.45 18.80
N ARG A 377 9.45 10.57 17.46
CA ARG A 377 10.30 11.60 16.86
C ARG A 377 9.90 13.03 17.34
N ASN A 378 8.59 13.29 17.48
CA ASN A 378 8.11 14.59 17.95
C ASN A 378 8.54 14.77 19.43
N MET A 379 8.45 13.71 20.25
CA MET A 379 8.86 13.84 21.67
C MET A 379 10.36 14.15 21.79
N GLU A 380 11.17 13.53 20.93
CA GLU A 380 12.62 13.83 20.93
C GLU A 380 12.83 15.29 20.49
N ALA A 381 12.18 15.70 19.38
CA ALA A 381 12.30 17.07 18.84
C ALA A 381 11.94 18.12 19.93
N GLU A 382 10.85 17.87 20.64
CA GLU A 382 10.34 18.77 21.67
C GLU A 382 11.12 18.68 22.99
N GLU A 383 12.20 17.87 23.00
CA GLU A 383 13.09 17.69 24.16
C GLU A 383 12.39 17.06 25.39
N VAL A 384 11.28 16.29 25.15
CA VAL A 384 10.60 15.50 26.18
C VAL A 384 11.54 14.33 26.52
N LEU A 385 12.08 13.69 25.47
CA LEU A 385 13.03 12.59 25.59
C LEU A 385 14.43 13.16 25.49
N GLU A 386 15.31 12.78 26.42
CA GLU A 386 16.70 13.25 26.35
C GLU A 386 17.64 12.10 25.97
N MET A 387 18.92 12.41 25.63
CA MET A 387 19.87 11.36 25.21
C MET A 387 20.04 10.27 26.27
N GLN A 388 19.93 10.62 27.57
CA GLN A 388 20.01 9.68 28.70
C GLN A 388 18.88 8.61 28.60
N ASP A 389 17.70 8.96 27.98
CA ASP A 389 16.53 8.08 27.89
C ASP A 389 16.66 6.90 26.88
N LEU A 390 17.68 6.92 26.00
CA LEU A 390 17.86 5.81 25.06
C LEU A 390 18.23 4.54 25.82
N TRP A 391 19.19 4.66 26.76
CA TRP A 391 19.74 3.57 27.53
C TRP A 391 18.73 2.98 28.53
N LEU A 392 18.00 3.86 29.21
CA LEU A 392 17.00 3.50 30.21
C LEU A 392 16.10 4.69 30.43
N LEU A 393 14.79 4.44 30.48
CA LEU A 393 13.80 5.47 30.76
C LEU A 393 13.51 5.35 32.27
N ARG A 394 14.12 6.23 33.08
CA ARG A 394 14.04 6.17 34.54
C ARG A 394 12.67 6.52 35.08
N ARG A 395 12.10 7.64 34.59
CA ARG A 395 10.78 8.16 34.92
C ARG A 395 9.90 8.15 33.67
N SER A 396 8.67 7.64 33.80
CA SER A 396 7.73 7.55 32.69
C SER A 396 6.70 8.70 32.63
N GLU A 397 6.52 9.44 33.77
CA GLU A 397 5.50 10.47 33.91
C GLU A 397 5.54 11.59 32.88
N LYS A 398 6.74 11.99 32.42
CA LYS A 398 6.89 13.06 31.42
C LYS A 398 6.31 12.62 30.07
N VAL A 399 6.56 11.35 29.71
CA VAL A 399 6.06 10.77 28.45
C VAL A 399 4.52 10.69 28.51
N THR A 400 3.98 10.15 29.63
CA THR A 400 2.51 10.05 29.82
C THR A 400 1.89 11.44 29.78
N ASN A 401 2.51 12.41 30.49
CA ASN A 401 1.96 13.75 30.47
C ASN A 401 1.96 14.34 29.05
N TRP A 402 3.04 14.11 28.26
CA TRP A 402 3.07 14.62 26.89
C TRP A 402 1.99 13.96 26.02
N LEU A 403 1.82 12.65 26.15
CA LEU A 403 0.81 11.93 25.36
C LEU A 403 -0.59 12.39 25.73
N GLN A 404 -0.90 12.51 27.04
CA GLN A 404 -2.23 12.98 27.45
C GLN A 404 -2.49 14.44 27.08
N SER A 405 -1.46 15.33 27.12
CA SER A 405 -1.62 16.75 26.82
C SER A 405 -1.62 17.05 25.31
N ASN A 406 -0.74 16.37 24.55
CA ASN A 406 -0.41 16.72 23.18
C ASN A 406 -0.59 15.63 22.15
N GLY A 407 -0.74 14.39 22.58
CA GLY A 407 -0.79 13.22 21.68
C GLY A 407 -1.73 13.41 20.50
N TRP A 408 -3.00 13.77 20.80
N TRP A 408 -3.00 13.79 20.80
CA TRP A 408 -4.03 13.97 19.78
CA TRP A 408 -4.01 13.99 19.75
C TRP A 408 -3.68 15.12 18.84
C TRP A 408 -3.69 15.14 18.83
N ASP A 409 -3.18 16.26 19.37
CA ASP A 409 -2.81 17.40 18.55
C ASP A 409 -1.71 16.94 17.56
N ARG A 410 -0.74 16.15 18.06
CA ARG A 410 0.35 15.64 17.21
C ARG A 410 -0.14 14.64 16.15
N LEU A 411 -1.10 13.77 16.50
CA LEU A 411 -1.66 12.84 15.52
C LEU A 411 -2.35 13.61 14.37
N LYS A 412 -3.11 14.67 14.72
CA LYS A 412 -3.79 15.47 13.71
C LYS A 412 -2.82 16.24 12.80
N ARG A 413 -1.54 16.37 13.21
CA ARG A 413 -0.48 17.01 12.42
C ARG A 413 0.20 15.95 11.49
N MET A 414 -0.43 14.77 11.33
CA MET A 414 0.15 13.71 10.49
C MET A 414 -0.83 13.21 9.46
N ALA A 415 -0.28 12.63 8.36
CA ALA A 415 -1.04 11.88 7.38
C ALA A 415 -0.19 10.65 7.19
N VAL A 416 -0.69 9.51 7.68
CA VAL A 416 0.08 8.27 7.65
C VAL A 416 -0.73 7.22 6.94
N SER A 417 -0.15 6.68 5.88
CA SER A 417 -0.79 5.62 5.09
C SER A 417 0.20 4.46 5.00
N GLY A 418 0.10 3.51 5.94
CA GLY A 418 1.06 2.41 6.01
C GLY A 418 2.45 2.97 6.27
N ASP A 419 3.41 2.66 5.38
CA ASP A 419 4.77 3.14 5.51
C ASP A 419 5.00 4.58 5.01
N ASP A 420 3.96 5.18 4.38
CA ASP A 420 4.00 6.53 3.82
C ASP A 420 3.57 7.53 4.90
N CYS A 421 4.36 8.59 5.10
N CYS A 421 4.31 8.62 5.05
CA CYS A 421 3.98 9.60 6.12
CA CYS A 421 3.89 9.54 6.11
C CYS A 421 4.33 11.03 5.74
C CYS A 421 4.40 10.97 5.91
N VAL A 422 3.51 11.95 6.25
CA VAL A 422 3.77 13.39 6.17
C VAL A 422 3.49 13.88 7.60
N VAL A 423 4.38 14.73 8.12
CA VAL A 423 4.24 15.30 9.47
C VAL A 423 4.42 16.83 9.42
N LYS A 424 3.58 17.57 10.20
CA LYS A 424 3.66 19.02 10.34
C LYS A 424 4.03 19.26 11.84
N PRO A 425 5.33 19.21 12.20
CA PRO A 425 5.70 19.35 13.63
C PRO A 425 5.46 20.77 14.14
N ILE A 426 5.57 20.97 15.49
CA ILE A 426 5.32 22.31 16.03
C ILE A 426 6.42 23.34 15.67
N ASP A 427 7.63 22.87 15.28
CA ASP A 427 8.76 23.70 14.84
C ASP A 427 9.72 22.82 14.04
N ASP A 428 10.88 23.34 13.63
CA ASP A 428 11.79 22.53 12.79
C ASP A 428 12.85 21.75 13.58
N ARG A 429 12.71 21.66 14.93
CA ARG A 429 13.64 20.78 15.69
C ARG A 429 13.44 19.32 15.20
N PHE A 430 12.22 19.00 14.68
CA PHE A 430 11.91 17.68 14.14
C PHE A 430 12.93 17.20 13.10
N ALA A 431 13.48 18.13 12.29
CA ALA A 431 14.43 17.78 11.23
C ALA A 431 15.66 17.03 11.75
N HIS A 432 16.16 17.42 12.93
CA HIS A 432 17.37 16.79 13.50
C HIS A 432 17.07 15.82 14.66
N ALA A 433 15.77 15.51 14.89
CA ALA A 433 15.36 14.58 15.96
C ALA A 433 15.52 13.16 15.40
N LEU A 434 16.78 12.67 15.40
CA LEU A 434 17.12 11.38 14.77
C LEU A 434 17.65 10.28 15.71
N ARG A 435 17.92 10.57 16.98
CA ARG A 435 18.53 9.57 17.86
C ARG A 435 17.61 8.39 18.16
N PHE A 436 16.33 8.65 18.50
CA PHE A 436 15.42 7.52 18.72
C PHE A 436 15.08 6.83 17.41
N LEU A 437 14.86 7.63 16.34
CA LEU A 437 14.52 7.11 15.02
C LEU A 437 15.59 6.09 14.59
N ASN A 438 16.86 6.50 14.67
CA ASN A 438 17.92 5.60 14.25
C ASN A 438 18.10 4.42 15.22
N ASP A 439 17.90 4.63 16.54
CA ASP A 439 18.03 3.52 17.50
C ASP A 439 16.92 2.48 17.26
N MET A 440 15.76 2.93 16.76
CA MET A 440 14.67 1.99 16.46
C MET A 440 14.89 1.26 15.14
N GLY A 441 15.98 1.58 14.43
CA GLY A 441 16.23 0.95 13.14
C GLY A 441 15.37 1.49 12.01
N LYS A 442 14.77 2.68 12.19
CA LYS A 442 13.84 3.29 11.21
C LYS A 442 14.56 4.33 10.32
N VAL A 443 15.71 3.93 9.73
N VAL A 443 15.74 3.97 9.80
CA VAL A 443 16.62 4.73 8.88
CA VAL A 443 16.59 4.86 9.00
C VAL A 443 15.94 5.34 7.62
C VAL A 443 15.93 5.38 7.70
N ARG A 444 16.13 6.66 7.40
CA ARG A 444 15.54 7.36 6.25
C ARG A 444 16.21 6.98 4.93
N LYS A 445 15.40 6.86 3.84
CA LYS A 445 15.86 6.52 2.49
C LYS A 445 16.72 7.65 1.92
N GLN A 448 22.22 10.62 4.14
CA GLN A 448 23.05 10.21 5.25
C GLN A 448 22.23 10.07 6.52
N GLU A 449 22.53 9.01 7.31
CA GLU A 449 21.86 8.66 8.57
C GLU A 449 21.70 9.81 9.55
N TRP A 450 22.73 10.67 9.68
CA TRP A 450 22.67 11.74 10.66
C TRP A 450 22.49 13.13 10.04
N LYS A 451 22.22 13.18 8.73
CA LYS A 451 21.95 14.45 8.04
C LYS A 451 20.51 14.85 8.41
N PRO A 452 20.28 16.10 8.89
CA PRO A 452 18.89 16.50 9.21
C PRO A 452 17.98 16.41 7.99
N SER A 453 16.71 16.02 8.20
CA SER A 453 15.72 15.93 7.13
C SER A 453 15.47 17.30 6.51
N THR A 454 15.09 17.31 5.22
CA THR A 454 14.74 18.54 4.50
C THR A 454 13.22 18.58 4.42
N GLY A 455 12.63 19.63 4.98
CA GLY A 455 11.18 19.80 4.97
C GLY A 455 10.74 20.56 3.74
N TRP A 456 9.43 20.63 3.52
CA TRP A 456 8.83 21.29 2.36
C TRP A 456 8.04 22.50 2.81
N ASP A 457 8.25 23.64 2.14
CA ASP A 457 7.51 24.86 2.43
C ASP A 457 6.17 24.87 1.69
N ASN A 458 6.11 24.16 0.55
CA ASN A 458 4.91 24.15 -0.29
C ASN A 458 4.22 22.80 -0.27
N TRP A 459 3.00 22.73 0.30
CA TRP A 459 2.29 21.45 0.39
C TRP A 459 2.05 20.80 -0.98
N GLU A 460 2.01 21.61 -2.06
CA GLU A 460 1.76 21.07 -3.41
C GLU A 460 2.93 20.26 -3.96
N GLU A 461 4.08 20.33 -3.25
CA GLU A 461 5.28 19.61 -3.70
C GLU A 461 5.59 18.43 -2.80
N VAL A 462 4.81 18.27 -1.73
CA VAL A 462 5.03 17.19 -0.78
C VAL A 462 4.65 15.85 -1.40
N PRO A 463 5.59 14.89 -1.40
CA PRO A 463 5.26 13.54 -1.91
C PRO A 463 4.48 12.75 -0.87
N PHE A 464 3.43 12.04 -1.30
CA PHE A 464 2.62 11.23 -0.39
C PHE A 464 1.92 10.17 -1.20
N CYS A 465 2.11 8.87 -0.82
CA CYS A 465 1.49 7.74 -1.52
C CYS A 465 1.82 7.78 -3.01
N SER A 466 3.07 8.10 -3.36
CA SER A 466 3.56 8.11 -4.76
C SER A 466 2.93 9.21 -5.64
N HIS A 467 2.29 10.19 -5.00
CA HIS A 467 1.70 11.34 -5.68
C HIS A 467 2.15 12.64 -5.04
N HIS A 468 1.87 13.73 -5.76
CA HIS A 468 1.86 15.08 -5.23
C HIS A 468 0.46 15.65 -5.62
N PHE A 469 0.06 16.75 -4.97
CA PHE A 469 -1.31 17.24 -5.10
C PHE A 469 -1.31 18.69 -5.47
N ASN A 470 -2.11 19.05 -6.49
CA ASN A 470 -2.12 20.42 -7.01
C ASN A 470 -3.47 21.08 -6.98
N LYS A 471 -3.50 22.39 -6.65
CA LYS A 471 -4.75 23.14 -6.67
C LYS A 471 -4.97 23.69 -8.07
N LEU A 472 -6.10 23.35 -8.65
CA LEU A 472 -6.48 23.85 -9.97
C LEU A 472 -7.84 24.57 -9.86
N HIS A 473 -8.32 25.21 -10.94
CA HIS A 473 -9.63 25.87 -10.90
C HIS A 473 -10.53 25.45 -12.00
N LEU A 474 -11.82 25.21 -11.68
CA LEU A 474 -12.79 24.91 -12.70
C LEU A 474 -13.01 26.21 -13.51
N LYS A 475 -13.60 26.09 -14.72
CA LYS A 475 -13.89 27.27 -15.56
C LYS A 475 -14.68 28.32 -14.78
N ASP A 476 -15.60 27.90 -13.89
CA ASP A 476 -16.41 28.87 -13.13
C ASP A 476 -15.66 29.55 -11.97
N GLY A 477 -14.40 29.16 -11.73
CA GLY A 477 -13.56 29.78 -10.71
C GLY A 477 -13.33 28.98 -9.45
N ARG A 478 -14.15 27.93 -9.23
CA ARG A 478 -14.03 27.09 -8.05
C ARG A 478 -12.74 26.26 -8.06
N SER A 479 -12.05 26.21 -6.92
CA SER A 479 -10.78 25.45 -6.82
C SER A 479 -11.08 23.97 -6.53
N ILE A 480 -10.18 23.10 -7.01
CA ILE A 480 -10.23 21.65 -6.74
C ILE A 480 -8.77 21.25 -6.48
N VAL A 481 -8.53 20.19 -5.71
CA VAL A 481 -7.16 19.75 -5.42
C VAL A 481 -7.05 18.33 -5.97
N VAL A 482 -6.16 18.16 -6.95
CA VAL A 482 -6.06 16.91 -7.69
C VAL A 482 -4.77 16.16 -7.43
N PRO A 483 -4.82 14.82 -7.61
CA PRO A 483 -3.60 14.00 -7.47
C PRO A 483 -2.81 13.96 -8.78
N CYS A 484 -1.49 13.86 -8.67
CA CYS A 484 -0.67 13.83 -9.88
C CYS A 484 0.57 13.00 -9.59
N ARG A 485 1.09 12.35 -10.63
CA ARG A 485 2.36 11.63 -10.54
C ARG A 485 2.96 11.66 -11.93
N HIS A 486 4.23 11.27 -12.05
CA HIS A 486 4.85 11.24 -13.38
C HIS A 486 4.04 10.36 -14.32
N GLN A 487 3.72 10.90 -15.50
CA GLN A 487 2.85 10.23 -16.46
C GLN A 487 3.40 8.89 -16.97
N ASP A 488 4.74 8.74 -17.08
CA ASP A 488 5.27 7.43 -17.51
C ASP A 488 4.81 6.28 -16.63
N GLU A 489 4.64 6.53 -15.33
CA GLU A 489 4.23 5.50 -14.39
C GLU A 489 2.78 5.09 -14.68
N LEU A 490 1.95 6.08 -15.03
CA LEU A 490 0.53 5.83 -15.29
C LEU A 490 0.35 5.02 -16.56
N ILE A 491 1.02 5.44 -17.63
CA ILE A 491 0.89 4.73 -18.92
C ILE A 491 1.55 3.37 -18.86
N GLY A 492 2.71 3.30 -18.21
CA GLY A 492 3.43 2.04 -18.04
C GLY A 492 2.59 1.00 -17.32
N ARG A 493 1.88 1.40 -16.26
CA ARG A 493 1.02 0.48 -15.53
C ARG A 493 -0.18 0.03 -16.37
N ALA A 494 -0.78 0.94 -17.17
CA ALA A 494 -1.94 0.62 -17.99
C ALA A 494 -1.59 -0.36 -19.11
N ARG A 495 -0.30 -0.39 -19.51
CA ARG A 495 0.16 -1.28 -20.57
C ARG A 495 0.40 -2.73 -20.06
N VAL A 496 0.37 -2.94 -18.73
CA VAL A 496 0.59 -4.27 -18.12
C VAL A 496 -0.74 -5.01 -18.05
N SER A 497 -0.77 -6.26 -18.56
CA SER A 497 -1.95 -7.11 -18.50
C SER A 497 -1.59 -8.39 -17.72
N PRO A 498 -2.35 -8.77 -16.66
CA PRO A 498 -1.98 -9.98 -15.91
C PRO A 498 -2.69 -11.25 -16.39
N GLY A 499 -1.93 -12.30 -16.68
CA GLY A 499 -2.47 -13.57 -17.14
C GLY A 499 -2.71 -13.63 -18.64
N ALA A 500 -2.34 -14.78 -19.26
CA ALA A 500 -2.48 -15.03 -20.70
C ALA A 500 -3.88 -15.53 -21.05
N SER A 503 -7.17 -12.72 -24.12
CA SER A 503 -8.33 -12.44 -24.96
C SER A 503 -8.58 -10.92 -25.13
N ILE A 504 -9.15 -10.51 -26.28
CA ILE A 504 -9.47 -9.10 -26.55
C ILE A 504 -10.52 -8.55 -25.55
N ARG A 505 -11.50 -9.38 -25.14
CA ARG A 505 -12.54 -9.00 -24.19
C ARG A 505 -11.93 -8.53 -22.86
N GLU A 506 -11.08 -9.38 -22.27
CA GLU A 506 -10.42 -9.10 -21.00
C GLU A 506 -9.48 -7.93 -21.08
N THR A 507 -8.68 -7.82 -22.17
CA THR A 507 -7.74 -6.70 -22.31
C THR A 507 -8.49 -5.41 -22.54
N ALA A 508 -9.56 -5.46 -23.36
CA ALA A 508 -10.35 -4.26 -23.66
C ALA A 508 -11.06 -3.76 -22.38
N CYS A 509 -11.66 -4.67 -21.60
CA CYS A 509 -12.37 -4.27 -20.36
C CYS A 509 -11.41 -3.70 -19.32
N LEU A 510 -10.17 -4.24 -19.25
CA LEU A 510 -9.13 -3.72 -18.37
C LEU A 510 -8.63 -2.36 -18.88
N ALA A 511 -8.44 -2.21 -20.22
CA ALA A 511 -8.06 -0.90 -20.77
C ALA A 511 -9.12 0.14 -20.41
N LYS A 512 -10.41 -0.25 -20.48
CA LYS A 512 -11.52 0.66 -20.17
C LYS A 512 -11.43 1.06 -18.69
N SER A 513 -11.04 0.10 -17.80
CA SER A 513 -10.90 0.42 -16.36
C SER A 513 -9.85 1.52 -16.18
N TYR A 514 -8.65 1.35 -16.80
CA TYR A 514 -7.58 2.37 -16.70
C TYR A 514 -8.06 3.72 -17.24
N ALA A 515 -8.64 3.70 -18.46
CA ALA A 515 -9.10 4.95 -19.09
C ALA A 515 -10.08 5.69 -18.17
N GLN A 516 -11.07 4.96 -17.58
CA GLN A 516 -12.07 5.62 -16.71
C GLN A 516 -11.43 6.13 -15.43
N MET A 517 -10.44 5.38 -14.91
CA MET A 517 -9.69 5.86 -13.74
C MET A 517 -9.01 7.17 -14.09
N TRP A 518 -8.42 7.24 -15.32
CA TRP A 518 -7.76 8.49 -15.68
C TRP A 518 -8.75 9.65 -15.81
N GLN A 519 -9.95 9.37 -16.32
CA GLN A 519 -10.98 10.41 -16.48
C GLN A 519 -11.40 10.95 -15.10
N LEU A 520 -11.42 10.06 -14.07
CA LEU A 520 -11.84 10.53 -12.75
C LEU A 520 -10.75 11.26 -12.01
N LEU A 521 -9.50 10.75 -12.12
CA LEU A 521 -8.46 11.32 -11.24
C LEU A 521 -7.34 12.07 -11.92
N TYR A 522 -7.06 11.72 -13.18
CA TYR A 522 -5.92 12.31 -13.88
C TYR A 522 -6.34 13.04 -15.15
N PHE A 523 -7.62 13.50 -15.17
CA PHE A 523 -8.20 14.28 -16.27
C PHE A 523 -7.38 15.53 -16.67
N HIS A 524 -6.62 16.02 -15.69
CA HIS A 524 -5.82 17.26 -15.80
C HIS A 524 -4.52 17.04 -16.55
N ARG A 525 -4.25 15.78 -17.00
CA ARG A 525 -3.04 15.48 -17.77
C ARG A 525 -3.47 15.41 -19.25
N ARG A 526 -2.92 16.28 -20.10
CA ARG A 526 -3.38 16.34 -21.50
C ARG A 526 -3.34 15.02 -22.20
N ASP A 527 -2.19 14.33 -22.09
CA ASP A 527 -2.04 13.07 -22.84
C ASP A 527 -2.99 12.01 -22.36
N LEU A 528 -3.29 11.99 -21.04
CA LEU A 528 -4.17 10.96 -20.48
C LEU A 528 -5.64 11.25 -20.81
N ARG A 529 -6.03 12.56 -20.85
CA ARG A 529 -7.44 12.82 -21.22
C ARG A 529 -7.72 12.35 -22.67
N LEU A 530 -6.74 12.59 -23.56
CA LEU A 530 -6.89 12.18 -24.95
CA LEU A 530 -6.82 12.19 -24.97
C LEU A 530 -6.78 10.67 -25.05
N MET A 531 -5.74 10.06 -24.43
CA MET A 531 -5.60 8.60 -24.53
C MET A 531 -6.83 7.91 -23.93
N ALA A 532 -7.31 8.42 -22.78
CA ALA A 532 -8.47 7.77 -22.16
C ALA A 532 -9.70 7.85 -23.09
N ASN A 533 -9.93 9.01 -23.73
CA ASN A 533 -11.05 9.19 -24.66
C ASN A 533 -10.85 8.24 -25.86
N ALA A 534 -9.58 8.05 -26.31
CA ALA A 534 -9.39 7.09 -27.44
C ALA A 534 -9.71 5.65 -27.01
N ILE A 535 -9.29 5.27 -25.79
CA ILE A 535 -9.59 3.92 -25.31
C ILE A 535 -11.11 3.77 -25.19
N CYS A 536 -11.77 4.71 -24.50
CA CYS A 536 -13.22 4.58 -24.34
C CYS A 536 -13.99 4.54 -25.66
N SER A 537 -13.44 5.20 -26.69
CA SER A 537 -14.05 5.24 -28.03
C SER A 537 -13.83 3.94 -28.79
N SER A 538 -12.83 3.15 -28.37
CA SER A 538 -12.41 1.89 -29.01
C SER A 538 -13.01 0.63 -28.41
N VAL A 539 -13.58 0.73 -27.21
CA VAL A 539 -14.15 -0.41 -26.47
C VAL A 539 -15.69 -0.30 -26.54
N PRO A 540 -16.45 -1.41 -26.82
CA PRO A 540 -17.93 -1.31 -26.88
C PRO A 540 -18.51 -0.64 -25.64
N VAL A 541 -19.49 0.26 -25.83
CA VAL A 541 -20.04 1.04 -24.70
C VAL A 541 -20.62 0.20 -23.59
N ASP A 542 -21.18 -0.95 -23.91
CA ASP A 542 -21.86 -1.80 -22.94
C ASP A 542 -20.91 -2.75 -22.20
N TRP A 543 -19.62 -2.82 -22.61
CA TRP A 543 -18.65 -3.68 -21.95
C TRP A 543 -18.29 -3.13 -20.58
N VAL A 544 -18.50 -3.94 -19.55
CA VAL A 544 -18.25 -3.53 -18.18
C VAL A 544 -16.74 -3.55 -17.84
N PRO A 545 -16.17 -2.44 -17.31
CA PRO A 545 -14.75 -2.46 -16.89
C PRO A 545 -14.49 -3.60 -15.88
N THR A 546 -13.36 -4.28 -16.04
CA THR A 546 -12.96 -5.40 -15.16
C THR A 546 -11.49 -5.27 -14.81
N GLY A 547 -11.03 -6.11 -13.88
CA GLY A 547 -9.63 -6.10 -13.50
C GLY A 547 -9.31 -5.14 -12.38
N ARG A 548 -8.02 -4.97 -12.11
CA ARG A 548 -7.53 -4.13 -11.04
C ARG A 548 -6.63 -3.07 -11.61
N THR A 549 -6.94 -1.78 -11.39
CA THR A 549 -6.06 -0.74 -11.90
C THR A 549 -5.10 -0.27 -10.85
N THR A 550 -5.32 -0.68 -9.60
CA THR A 550 -4.45 -0.34 -8.47
C THR A 550 -4.61 -1.30 -7.30
N TRP A 551 -3.52 -1.45 -6.50
CA TRP A 551 -3.51 -2.25 -5.28
C TRP A 551 -3.77 -1.35 -4.06
N SER A 552 -3.51 -0.04 -4.20
CA SER A 552 -3.66 0.95 -3.12
C SER A 552 -5.05 0.98 -2.52
N ILE A 553 -5.08 1.08 -1.18
CA ILE A 553 -6.33 1.20 -0.42
C ILE A 553 -7.01 2.52 -0.81
N HIS A 554 -6.25 3.47 -1.40
CA HIS A 554 -6.83 4.75 -1.78
C HIS A 554 -7.56 4.70 -3.15
N GLY A 555 -7.55 3.52 -3.78
CA GLY A 555 -8.24 3.26 -5.04
C GLY A 555 -9.61 2.71 -4.76
N LYS A 556 -10.63 3.57 -4.76
CA LYS A 556 -11.98 3.17 -4.38
C LYS A 556 -12.84 2.57 -5.53
N GLY A 557 -12.25 2.54 -6.73
CA GLY A 557 -12.86 1.92 -7.91
C GLY A 557 -14.17 2.53 -8.40
N GLU A 558 -14.39 3.85 -8.22
CA GLU A 558 -15.61 4.52 -8.73
C GLU A 558 -15.70 4.45 -10.26
N TRP A 559 -14.55 4.26 -10.91
CA TRP A 559 -14.44 4.16 -12.35
C TRP A 559 -14.85 2.76 -12.88
N MET A 560 -15.12 1.80 -11.97
CA MET A 560 -15.44 0.42 -12.39
C MET A 560 -16.94 0.34 -12.58
N THR A 561 -17.42 0.90 -13.70
CA THR A 561 -18.85 1.09 -13.98
C THR A 561 -19.11 1.46 -15.44
N THR A 562 -20.36 1.28 -15.92
CA THR A 562 -20.77 1.77 -17.24
C THR A 562 -21.59 3.07 -17.11
N GLU A 563 -21.69 3.59 -15.86
CA GLU A 563 -22.35 4.88 -15.64
C GLU A 563 -21.48 5.93 -16.35
N ASP A 564 -22.12 6.98 -16.92
CA ASP A 564 -21.42 8.06 -17.65
C ASP A 564 -20.35 8.67 -16.71
N MET A 565 -19.09 8.75 -17.16
CA MET A 565 -18.01 9.24 -16.32
C MET A 565 -18.12 10.73 -15.93
N LEU A 566 -18.87 11.54 -16.71
CA LEU A 566 -19.06 12.93 -16.27
C LEU A 566 -20.00 12.94 -15.04
N VAL A 567 -21.00 12.04 -15.02
CA VAL A 567 -21.91 11.93 -13.87
C VAL A 567 -21.09 11.49 -12.61
N VAL A 568 -20.22 10.49 -12.80
CA VAL A 568 -19.38 9.94 -11.71
C VAL A 568 -18.40 11.02 -11.23
N TRP A 569 -17.80 11.75 -12.21
CA TRP A 569 -16.87 12.85 -11.89
C TRP A 569 -17.62 13.85 -11.00
N ASN A 570 -18.89 14.22 -11.36
CA ASN A 570 -19.63 15.20 -10.53
C ASN A 570 -19.90 14.66 -9.14
N ARG A 571 -20.24 13.36 -9.04
CA ARG A 571 -20.54 12.78 -7.74
C ARG A 571 -19.31 12.84 -6.83
N VAL A 572 -18.14 12.49 -7.40
CA VAL A 572 -16.89 12.44 -6.63
C VAL A 572 -16.32 13.82 -6.28
N TRP A 573 -16.28 14.74 -7.26
CA TRP A 573 -15.65 16.03 -7.08
C TRP A 573 -16.54 17.14 -6.59
N ILE A 574 -17.86 17.05 -6.79
CA ILE A 574 -18.79 18.11 -6.38
C ILE A 574 -19.67 17.62 -5.23
N GLU A 575 -20.56 16.67 -5.53
CA GLU A 575 -21.58 16.21 -4.58
C GLU A 575 -21.03 15.68 -3.29
N GLU A 576 -20.17 14.67 -3.38
CA GLU A 576 -19.64 14.00 -2.19
C GLU A 576 -18.33 14.60 -1.69
N ASN A 577 -17.87 15.68 -2.34
CA ASN A 577 -16.63 16.33 -1.96
C ASN A 577 -16.91 17.39 -0.88
N ASP A 578 -16.58 17.07 0.40
CA ASP A 578 -16.80 18.01 1.52
C ASP A 578 -15.94 19.26 1.41
N HIS A 579 -14.95 19.23 0.54
CA HIS A 579 -14.10 20.40 0.32
C HIS A 579 -14.55 21.23 -0.89
N MET A 580 -15.78 20.97 -1.41
CA MET A 580 -16.32 21.78 -2.50
C MET A 580 -17.60 22.38 -1.89
N GLU A 581 -17.49 23.62 -1.44
CA GLU A 581 -18.58 24.30 -0.73
C GLU A 581 -19.78 24.52 -1.64
N ASP A 582 -19.52 24.98 -2.85
CA ASP A 582 -20.59 25.27 -3.81
C ASP A 582 -20.91 23.99 -4.58
N LYS A 583 -22.15 23.48 -4.46
CA LYS A 583 -22.57 22.24 -5.11
C LYS A 583 -23.09 22.38 -6.55
N THR A 584 -22.81 23.50 -7.22
CA THR A 584 -23.24 23.64 -8.63
C THR A 584 -22.59 22.52 -9.49
N PRO A 585 -23.38 21.72 -10.22
CA PRO A 585 -22.77 20.64 -11.05
C PRO A 585 -21.94 21.21 -12.20
N VAL A 586 -21.02 20.38 -12.72
CA VAL A 586 -20.22 20.74 -13.89
C VAL A 586 -20.89 20.00 -15.04
N THR A 587 -21.19 20.72 -16.15
CA THR A 587 -21.98 20.13 -17.24
C THR A 587 -21.19 19.70 -18.46
N LYS A 588 -19.90 20.05 -18.52
CA LYS A 588 -19.11 19.67 -19.70
C LYS A 588 -17.64 19.47 -19.37
N TRP A 589 -16.99 18.51 -20.04
CA TRP A 589 -15.56 18.26 -19.78
C TRP A 589 -14.65 19.47 -20.02
N THR A 590 -15.04 20.40 -20.95
CA THR A 590 -14.20 21.59 -21.22
C THR A 590 -14.11 22.54 -20.02
N ASP A 591 -15.06 22.43 -19.06
CA ASP A 591 -15.02 23.24 -17.84
C ASP A 591 -14.02 22.64 -16.82
N ILE A 592 -13.55 21.41 -17.08
CA ILE A 592 -12.64 20.70 -16.17
C ILE A 592 -11.21 20.96 -16.62
N PRO A 593 -10.37 21.51 -15.72
CA PRO A 593 -9.05 21.99 -16.17
C PRO A 593 -8.00 20.95 -16.44
N TYR A 594 -6.90 21.43 -17.06
CA TYR A 594 -5.67 20.69 -17.18
C TYR A 594 -4.70 21.40 -16.25
N LEU A 595 -3.61 20.72 -15.91
CA LEU A 595 -2.48 21.39 -15.25
C LEU A 595 -2.00 22.50 -16.25
N GLY A 596 -1.20 23.45 -15.75
CA GLY A 596 -0.55 24.41 -16.65
C GLY A 596 0.39 23.62 -17.55
N LYS A 597 0.68 24.11 -18.78
CA LYS A 597 1.56 23.35 -19.69
C LYS A 597 2.93 23.05 -19.08
N ARG A 598 3.52 24.02 -18.37
CA ARG A 598 4.81 23.84 -17.70
C ARG A 598 4.80 22.65 -16.71
N GLU A 599 3.72 22.54 -15.88
CA GLU A 599 3.59 21.45 -14.90
C GLU A 599 3.33 20.11 -15.61
N ASP A 600 2.46 20.13 -16.64
CA ASP A 600 2.16 18.90 -17.38
C ASP A 600 3.48 18.34 -17.99
N LEU A 601 4.30 19.23 -18.59
CA LEU A 601 5.60 18.83 -19.17
C LEU A 601 6.55 18.35 -18.06
N TRP A 602 6.60 19.08 -16.92
CA TRP A 602 7.49 18.67 -15.80
C TRP A 602 7.17 17.26 -15.38
N CYS A 603 5.84 16.91 -15.37
CA CYS A 603 5.39 15.60 -14.98
C CYS A 603 5.24 14.62 -16.13
N GLY A 604 6.06 14.82 -17.18
CA GLY A 604 6.19 13.82 -18.23
C GLY A 604 5.36 13.93 -19.49
N SER A 605 4.53 14.98 -19.63
CA SER A 605 3.73 15.13 -20.85
C SER A 605 4.60 15.18 -22.11
N LEU A 606 4.10 14.53 -23.16
CA LEU A 606 4.75 14.59 -24.47
C LEU A 606 4.08 15.63 -25.39
N ILE A 607 3.27 16.54 -24.82
N ILE A 607 3.25 16.57 -24.82
CA ILE A 607 2.67 17.61 -25.60
CA ILE A 607 2.61 17.68 -25.55
C ILE A 607 3.78 18.37 -26.32
C ILE A 607 3.69 18.51 -26.27
N GLY A 608 3.52 18.67 -27.59
CA GLY A 608 4.49 19.39 -28.42
C GLY A 608 5.62 18.56 -29.00
N HIS A 609 5.83 17.31 -28.54
CA HIS A 609 6.88 16.40 -29.04
C HIS A 609 6.31 15.77 -30.30
N ARG A 610 7.00 15.93 -31.47
CA ARG A 610 6.51 15.45 -32.78
C ARG A 610 5.82 14.05 -32.79
N PRO A 611 6.39 12.92 -32.26
CA PRO A 611 5.66 11.63 -32.32
C PRO A 611 4.29 11.68 -31.62
N ARG A 612 4.20 12.47 -30.55
CA ARG A 612 2.92 12.66 -29.83
C ARG A 612 1.96 13.47 -30.71
N THR A 613 2.45 14.54 -31.37
CA THR A 613 1.62 15.34 -32.26
C THR A 613 1.05 14.43 -33.37
N THR A 614 1.91 13.56 -33.97
CA THR A 614 1.46 12.61 -35.01
C THR A 614 0.39 11.67 -34.46
N TRP A 615 0.62 11.13 -33.23
CA TRP A 615 -0.34 10.24 -32.57
C TRP A 615 -1.70 10.94 -32.40
N ALA A 616 -1.70 12.22 -31.96
CA ALA A 616 -2.97 12.93 -31.74
C ALA A 616 -3.66 13.18 -33.08
N GLU A 617 -2.89 13.58 -34.10
CA GLU A 617 -3.46 13.85 -35.41
C GLU A 617 -4.07 12.61 -36.05
N ASN A 618 -3.46 11.43 -35.77
CA ASN A 618 -3.88 10.14 -36.38
C ASN A 618 -4.86 9.34 -35.48
N ILE A 619 -5.19 9.87 -34.29
CA ILE A 619 -5.94 9.10 -33.28
C ILE A 619 -7.28 8.49 -33.78
N LYS A 620 -8.04 9.19 -34.61
CA LYS A 620 -9.34 8.63 -35.08
C LYS A 620 -9.10 7.37 -35.92
N ASN A 621 -8.04 7.38 -36.77
CA ASN A 621 -7.73 6.20 -37.58
C ASN A 621 -7.31 5.04 -36.68
N THR A 622 -6.57 5.35 -35.59
CA THR A 622 -6.10 4.33 -34.65
C THR A 622 -7.31 3.70 -33.92
N VAL A 623 -8.26 4.55 -33.51
CA VAL A 623 -9.51 4.07 -32.87
C VAL A 623 -10.27 3.17 -33.82
N ASN A 624 -10.39 3.57 -35.09
CA ASN A 624 -11.10 2.76 -36.09
C ASN A 624 -10.44 1.39 -36.27
N MET A 625 -9.10 1.32 -36.22
CA MET A 625 -8.37 0.05 -36.33
C MET A 625 -8.71 -0.84 -35.14
N VAL A 626 -8.74 -0.28 -33.90
CA VAL A 626 -9.08 -1.10 -32.75
C VAL A 626 -10.54 -1.60 -32.84
N ARG A 627 -11.47 -0.72 -33.23
CA ARG A 627 -12.91 -1.11 -33.40
C ARG A 627 -13.00 -2.27 -34.40
N ARG A 628 -12.20 -2.23 -35.49
CA ARG A 628 -12.19 -3.30 -36.49
C ARG A 628 -11.79 -4.65 -35.89
N ILE A 629 -10.74 -4.64 -35.05
CA ILE A 629 -10.23 -5.84 -34.39
C ILE A 629 -11.28 -6.41 -33.44
N ILE A 630 -11.82 -5.56 -32.55
CA ILE A 630 -12.81 -6.01 -31.57
C ILE A 630 -14.10 -6.50 -32.25
N GLY A 631 -14.51 -5.77 -33.29
CA GLY A 631 -15.69 -6.08 -34.09
C GLY A 631 -16.50 -4.86 -34.44
N ASP A 632 -16.67 -4.60 -35.74
CA ASP A 632 -17.44 -3.45 -36.21
C ASP A 632 -18.96 -3.57 -35.96
N GLU A 633 -19.43 -4.77 -35.56
CA GLU A 633 -20.82 -5.03 -35.24
C GLU A 633 -21.20 -4.51 -33.83
N GLU A 634 -20.17 -4.28 -32.98
CA GLU A 634 -20.37 -3.77 -31.62
C GLU A 634 -20.80 -2.30 -31.66
N LYS A 635 -21.39 -1.81 -30.57
CA LYS A 635 -21.82 -0.42 -30.47
C LYS A 635 -20.70 0.40 -29.78
N TYR A 636 -20.20 1.44 -30.46
CA TYR A 636 -19.15 2.33 -29.94
C TYR A 636 -19.66 3.75 -29.83
N MET A 637 -19.05 4.54 -28.93
CA MET A 637 -19.34 5.96 -28.79
C MET A 637 -18.04 6.72 -29.11
N ASP A 638 -18.15 7.90 -29.73
CA ASP A 638 -17.00 8.74 -30.05
C ASP A 638 -16.80 9.73 -28.91
N TYR A 639 -15.87 9.44 -27.98
CA TYR A 639 -15.57 10.33 -26.85
C TYR A 639 -14.57 11.40 -27.23
N LEU A 640 -13.99 11.30 -28.43
CA LEU A 640 -12.99 12.25 -28.95
C LEU A 640 -13.65 13.48 -29.59
N SER A 641 -14.82 13.31 -30.23
CA SER A 641 -15.55 14.38 -30.93
C SER A 641 -15.91 15.56 -30.02
ZN ZN B . -1.58 -21.94 11.27
ZN ZN C . 2.48 16.47 -11.35
CAA G8O D . -2.30 3.79 -7.18
CAA G8O D . -1.92 3.86 -7.04
CAB G8O D . -1.07 3.32 -6.77
CAB G8O D . -0.62 3.48 -6.73
CAC G8O D . -0.42 3.83 -5.65
CAC G8O D . 0.05 4.10 -5.68
CAD G8O D . -1.10 4.79 -4.88
CAD G8O D . -0.56 5.17 -5.03
CAE G8O D . -2.39 5.19 -5.25
CAE G8O D . -1.87 5.54 -5.33
CAF G8O D . -2.98 4.66 -6.38
CAF G8O D . -2.54 4.89 -6.37
CAG G8O D . -2.61 6.58 -3.29
CAG G8O D . -2.69 6.44 -3.29
CAH G8O D . 1.44 3.72 -4.10
CAH G8O D . 1.50 2.84 -4.26
CAI G8O D . -0.38 2.31 -7.67
CAI G8O D . -0.04 2.30 -7.47
CAJ G8O D . -4.38 5.05 -6.83
CAJ G8O D . -3.97 5.23 -6.82
CAK G8O D . -4.80 5.04 -8.25
CAK G8O D . -4.41 5.33 -8.22
CAL G8O D . -6.39 5.47 -8.24
CAL G8O D . -6.02 5.65 -8.23
CAM G8O D . -6.87 5.67 -6.86
CAM G8O D . -6.50 5.71 -6.85
OAN G8O D . -3.16 6.09 -4.49
OAN G8O D . -2.45 6.63 -4.66
OAO G8O D . 0.88 3.38 -5.35
OAO G8O D . 1.37 3.73 -5.35
OAQ G8O D . -0.98 1.31 -7.93
OAQ G8O D . 1.01 2.39 -8.00
SAR G8O D . -5.63 5.39 -5.88
SAR G8O D . -5.26 5.44 -5.88
C1 G8F E . 2.56 0.33 -8.03
C1 G8F E . 1.41 -0.66 -7.62
C2 G8F E . 3.94 0.38 -7.79
C2 G8F E . 2.48 -0.84 -8.51
C3 G8F E . 4.53 -0.52 -6.89
C3 G8F E . 3.76 -1.06 -8.01
C4 G8F E . 3.72 -1.49 -6.27
C4 G8F E . 3.96 -1.12 -6.62
C5 G8F E . 2.35 -1.52 -6.50
C5 G8F E . 2.91 -0.92 -5.74
C6 G8F E . 1.77 -0.61 -7.37
C6 G8F E . 1.63 -0.68 -6.24
C7 G8F E . 6.38 0.32 -5.63
C7 G8F E . 5.65 -0.17 -9.19
N1 G8F E . 0.94 2.62 -8.11
N1 G8F E . -0.83 1.08 -7.48
O1 G8F E . 0.94 1.01 -10.17
O1 G8F E . -1.17 -1.43 -7.99
O2 G8F E . 2.81 2.25 -9.94
O2 G8F E . -0.29 -0.26 -9.70
O3 G8F E . 5.92 -0.49 -6.68
O3 G8F E . 4.85 -1.28 -8.88
S1 G8F E . 1.80 1.57 -9.13
S1 G8F E . -0.26 -0.32 -8.24
#